data_9IYZ
#
_entry.id   9IYZ
#
_cell.length_a   87.140
_cell.length_b   87.140
_cell.length_c   73.362
_cell.angle_alpha   90.00
_cell.angle_beta   90.00
_cell.angle_gamma   120.00
#
_symmetry.space_group_name_H-M   'P 3 2 1'
#
loop_
_entity.id
_entity.type
_entity.pdbx_description
1 polymer 'HTH-type transcriptional regulator AceR'
2 water water
#
_entity_poly.entity_id   1
_entity_poly.type   'polypeptide(L)'
_entity_poly.pdbx_seq_one_letter_code
;AQSMNINQEQLLMFQAVMETGSFSAAARKLGKVPSAVSMSIANLEIDLNLTLFERKGREPTPTAEARVLYEKTAQLLIEM
NQWKQHAHAL
;
_entity_poly.pdbx_strand_id   A,B,C
#
# COMPACT_ATOMS: atom_id res chain seq x y z
N GLN A 2 -8.52 7.73 7.86
CA GLN A 2 -9.70 6.91 8.14
C GLN A 2 -9.77 5.79 7.11
N SER A 3 -9.61 6.13 5.82
CA SER A 3 -9.46 5.07 4.83
C SER A 3 -8.20 4.25 5.10
N MET A 4 -7.21 4.85 5.77
CA MET A 4 -6.05 4.12 6.27
C MET A 4 -6.44 2.96 7.18
N ASN A 5 -7.57 3.09 7.87
CA ASN A 5 -7.93 2.15 8.93
C ASN A 5 -8.58 0.88 8.39
N ILE A 6 -9.00 0.87 7.13
CA ILE A 6 -9.72 -0.26 6.58
C ILE A 6 -8.80 -1.47 6.49
N ASN A 7 -9.26 -2.60 7.01
CA ASN A 7 -8.49 -3.82 7.04
C ASN A 7 -9.04 -4.81 6.00
N GLN A 8 -8.35 -5.93 5.86
CA GLN A 8 -8.79 -6.91 4.86
C GLN A 8 -10.15 -7.48 5.21
N GLU A 9 -10.37 -7.79 6.49
CA GLU A 9 -11.61 -8.45 6.90
C GLU A 9 -12.84 -7.64 6.49
N GLN A 10 -12.79 -6.31 6.64
CA GLN A 10 -13.91 -5.47 6.23
C GLN A 10 -14.19 -5.61 4.74
N LEU A 11 -13.15 -5.65 3.92
CA LEU A 11 -13.35 -5.76 2.49
C LEU A 11 -13.90 -7.14 2.11
N LEU A 12 -13.46 -8.18 2.81
CA LEU A 12 -13.98 -9.52 2.54
C LEU A 12 -15.45 -9.61 2.87
N MET A 13 -15.88 -8.89 3.90
CA MET A 13 -17.27 -8.90 4.30
C MET A 13 -18.12 -8.03 3.38
N PHE A 14 -17.57 -6.90 2.94
CA PHE A 14 -18.22 -6.09 1.91
C PHE A 14 -18.46 -6.90 0.63
N GLN A 15 -17.45 -7.65 0.20
CA GLN A 15 -17.58 -8.42 -1.04
C GLN A 15 -18.66 -9.50 -0.91
N ALA A 16 -18.76 -10.13 0.27
CA ALA A 16 -19.77 -11.17 0.46
C ALA A 16 -21.18 -10.61 0.50
N VAL A 17 -21.40 -9.45 1.15
CA VAL A 17 -22.73 -8.87 1.16
C VAL A 17 -23.16 -8.49 -0.26
N MET A 18 -22.32 -7.71 -0.96
CA MET A 18 -22.45 -7.44 -2.38
C MET A 18 -22.87 -8.66 -3.19
N GLU A 19 -22.26 -9.81 -2.92
CA GLU A 19 -22.50 -11.00 -3.73
C GLU A 19 -23.80 -11.69 -3.36
N THR A 20 -24.02 -11.92 -2.07
CA THR A 20 -25.13 -12.74 -1.62
C THR A 20 -26.41 -11.96 -1.35
N GLY A 21 -26.35 -10.63 -1.29
CA GLY A 21 -27.54 -9.82 -1.22
C GLY A 21 -28.08 -9.49 0.16
N SER A 22 -27.47 -9.99 1.24
CA SER A 22 -27.93 -9.67 2.58
C SER A 22 -26.78 -9.85 3.56
N PHE A 23 -26.92 -9.23 4.75
CA PHE A 23 -25.98 -9.53 5.83
C PHE A 23 -26.11 -10.97 6.29
N SER A 24 -27.33 -11.50 6.25
CA SER A 24 -27.57 -12.87 6.72
C SER A 24 -26.89 -13.88 5.80
N ALA A 25 -27.12 -13.76 4.49
CA ALA A 25 -26.49 -14.66 3.55
C ALA A 25 -24.98 -14.54 3.58
N ALA A 26 -24.46 -13.31 3.70
CA ALA A 26 -23.02 -13.11 3.70
C ALA A 26 -22.38 -13.74 4.94
N ALA A 27 -23.01 -13.60 6.09
CA ALA A 27 -22.55 -14.31 7.29
C ALA A 27 -22.49 -15.82 7.03
N ARG A 28 -23.54 -16.36 6.41
CA ARG A 28 -23.57 -17.78 6.07
C ARG A 28 -22.37 -18.17 5.22
N LYS A 29 -22.06 -17.36 4.21
CA LYS A 29 -20.99 -17.69 3.28
C LYS A 29 -19.62 -17.68 3.95
N LEU A 30 -19.37 -16.70 4.82
CA LEU A 30 -18.04 -16.54 5.41
C LEU A 30 -17.85 -17.28 6.73
N GLY A 31 -18.86 -17.99 7.21
CA GLY A 31 -18.70 -18.65 8.49
C GLY A 31 -18.62 -17.70 9.65
N LYS A 32 -19.24 -16.53 9.52
CA LYS A 32 -19.30 -15.51 10.56
C LYS A 32 -20.77 -15.35 10.98
N VAL A 33 -21.01 -14.49 11.97
CA VAL A 33 -22.37 -14.26 12.42
C VAL A 33 -22.84 -12.90 11.90
N PRO A 34 -24.15 -12.68 11.74
CA PRO A 34 -24.61 -11.41 11.15
C PRO A 34 -24.17 -10.18 11.92
N SER A 35 -24.11 -10.27 13.26
CA SER A 35 -23.60 -9.17 14.06
C SER A 35 -22.23 -8.72 13.58
N ALA A 36 -21.38 -9.68 13.23
CA ALA A 36 -20.04 -9.33 12.79
C ALA A 36 -20.09 -8.59 11.45
N VAL A 37 -20.94 -9.04 10.53
CA VAL A 37 -20.98 -8.43 9.20
C VAL A 37 -21.53 -7.01 9.30
N SER A 38 -22.65 -6.85 9.98
CA SER A 38 -23.23 -5.54 10.27
C SER A 38 -22.20 -4.59 10.87
N MET A 39 -21.59 -5.01 11.98
CA MET A 39 -20.64 -4.14 12.65
C MET A 39 -19.52 -3.74 11.69
N SER A 40 -19.02 -4.72 10.92
CA SER A 40 -17.91 -4.48 10.01
C SER A 40 -18.29 -3.50 8.90
N ILE A 41 -19.45 -3.71 8.27
CA ILE A 41 -19.91 -2.81 7.21
C ILE A 41 -20.10 -1.40 7.77
N ALA A 42 -20.71 -1.30 8.96
CA ALA A 42 -20.90 0.01 9.57
C ALA A 42 -19.57 0.72 9.77
N ASN A 43 -18.57 -0.01 10.28
CA ASN A 43 -17.25 0.58 10.45
C ASN A 43 -16.63 0.96 9.10
N LEU A 44 -16.83 0.12 8.08
CA LEU A 44 -16.30 0.44 6.75
C LEU A 44 -16.92 1.72 6.20
N GLU A 45 -18.25 1.86 6.33
CA GLU A 45 -18.93 3.07 5.90
C GLU A 45 -18.41 4.30 6.66
N ILE A 46 -18.15 4.15 7.95
CA ILE A 46 -17.57 5.25 8.73
C ILE A 46 -16.16 5.57 8.21
N ASP A 47 -15.33 4.54 8.03
CA ASP A 47 -13.95 4.76 7.58
C ASP A 47 -13.92 5.50 6.25
N LEU A 48 -14.69 5.02 5.27
CA LEU A 48 -14.79 5.61 3.94
C LEU A 48 -15.61 6.89 3.90
N ASN A 49 -16.41 7.16 4.94
CA ASN A 49 -17.42 8.20 4.89
C ASN A 49 -18.27 8.08 3.62
N LEU A 50 -18.81 6.88 3.42
CA LEU A 50 -19.61 6.54 2.25
C LEU A 50 -20.74 5.64 2.72
N THR A 51 -21.96 5.97 2.35
CA THR A 51 -23.06 5.05 2.63
C THR A 51 -23.04 3.96 1.57
N LEU A 52 -22.93 2.70 1.99
CA LEU A 52 -22.76 1.60 1.04
C LEU A 52 -24.03 0.81 0.79
N PHE A 53 -25.00 0.85 1.70
CA PHE A 53 -26.24 0.11 1.52
C PHE A 53 -27.40 0.95 2.03
N GLU A 54 -28.53 0.90 1.31
CA GLU A 54 -29.66 1.74 1.66
C GLU A 54 -30.37 1.23 2.90
N LYS A 56 -33.11 -1.37 4.02
CA LYS A 56 -34.57 -1.36 4.12
C LYS A 56 -35.17 -0.14 3.43
N GLY A 57 -35.29 -0.21 2.10
CA GLY A 57 -35.86 0.88 1.32
C GLY A 57 -36.92 0.42 0.35
N PRO A 62 -31.18 -2.55 -1.39
CA PRO A 62 -30.25 -1.88 -0.48
C PRO A 62 -28.78 -2.00 -0.92
N THR A 63 -28.26 -1.04 -1.69
CA THR A 63 -26.91 -1.09 -2.25
C THR A 63 -26.52 0.21 -2.95
N ALA A 64 -25.72 1.05 -2.31
CA ALA A 64 -25.30 2.37 -2.81
C ALA A 64 -24.98 2.44 -4.29
N GLU A 65 -25.21 3.62 -4.87
CA GLU A 65 -24.53 4.02 -6.11
C GLU A 65 -23.03 3.86 -5.96
N ALA A 66 -22.48 4.27 -4.81
CA ALA A 66 -21.04 4.31 -4.65
C ALA A 66 -20.46 2.93 -4.37
N ARG A 67 -21.27 2.01 -3.86
CA ARG A 67 -20.81 0.68 -3.53
C ARG A 67 -20.44 -0.16 -4.76
N VAL A 68 -20.64 0.36 -5.97
CA VAL A 68 -19.97 -0.17 -7.17
C VAL A 68 -18.46 -0.11 -7.01
N LEU A 69 -18.00 0.36 -5.85
CA LEU A 69 -16.66 0.13 -5.34
C LEU A 69 -16.34 -1.36 -5.17
N TYR A 70 -17.34 -2.24 -5.23
CA TYR A 70 -17.04 -3.67 -5.19
C TYR A 70 -16.18 -4.08 -6.37
N GLU A 71 -16.28 -3.34 -7.47
CA GLU A 71 -15.49 -3.64 -8.65
C GLU A 71 -14.00 -3.45 -8.34
N LYS A 72 -13.65 -2.29 -7.78
CA LYS A 72 -12.24 -2.00 -7.50
C LYS A 72 -11.72 -2.82 -6.33
N THR A 73 -12.60 -3.22 -5.42
CA THR A 73 -12.15 -4.06 -4.31
C THR A 73 -11.69 -5.42 -4.81
N ALA A 74 -12.21 -5.87 -5.96
CA ALA A 74 -11.86 -7.18 -6.50
C ALA A 74 -10.38 -7.24 -6.89
N GLN A 75 -9.88 -6.18 -7.53
CA GLN A 75 -8.47 -6.15 -7.90
C GLN A 75 -7.57 -6.07 -6.68
N LEU A 76 -7.99 -5.33 -5.66
CA LEU A 76 -7.19 -5.23 -4.45
C LEU A 76 -7.21 -6.54 -3.68
N LEU A 77 -8.33 -7.27 -3.75
CA LEU A 77 -8.42 -8.55 -3.05
C LEU A 77 -7.49 -9.57 -3.68
N ILE A 78 -7.34 -9.55 -5.01
CA ILE A 78 -6.31 -10.37 -5.66
C ILE A 78 -4.95 -10.12 -5.04
N GLU A 79 -4.54 -8.84 -4.98
CA GLU A 79 -3.22 -8.49 -4.47
C GLU A 79 -3.07 -8.79 -2.98
N MET A 80 -4.13 -8.61 -2.19
CA MET A 80 -4.04 -8.92 -0.76
C MET A 80 -3.74 -10.40 -0.54
N ASN A 81 -4.44 -11.27 -1.27
CA ASN A 81 -4.19 -12.70 -1.14
C ASN A 81 -2.81 -13.09 -1.66
N GLN A 82 -2.37 -12.46 -2.77
CA GLN A 82 -1.03 -12.70 -3.26
C GLN A 82 0.02 -12.25 -2.25
N TRP A 83 -0.23 -11.11 -1.60
CA TRP A 83 0.69 -10.65 -0.56
C TRP A 83 0.77 -11.66 0.57
N LYS A 84 -0.37 -12.18 1.03
CA LYS A 84 -0.38 -13.16 2.12
C LYS A 84 0.49 -14.37 1.79
N GLN A 85 0.45 -14.83 0.55
CA GLN A 85 1.19 -16.03 0.17
C GLN A 85 2.69 -15.78 0.18
N HIS A 86 3.12 -14.62 -0.33
CA HIS A 86 4.53 -14.27 -0.26
C HIS A 86 5.00 -14.13 1.18
N ALA A 87 4.16 -13.52 2.03
CA ALA A 87 4.52 -13.31 3.43
C ALA A 87 4.64 -14.62 4.18
N HIS A 88 3.76 -15.58 3.87
CA HIS A 88 3.80 -16.87 4.57
C HIS A 88 5.00 -17.70 4.15
N ALA A 89 5.54 -17.48 2.95
CA ALA A 89 6.66 -18.25 2.43
C ALA A 89 8.02 -17.61 2.75
N LEU A 90 8.05 -16.60 3.61
CA LEU A 90 9.32 -16.03 4.04
C LEU A 90 9.92 -16.88 5.16
N ALA B 1 21.99 6.72 -23.74
CA ALA B 1 22.61 7.26 -22.53
C ALA B 1 23.21 6.12 -21.70
N GLN B 2 23.27 6.29 -20.37
CA GLN B 2 23.83 5.22 -19.55
C GLN B 2 23.22 5.19 -18.16
N SER B 3 23.14 3.96 -17.64
CA SER B 3 22.75 3.69 -16.27
C SER B 3 23.62 4.41 -15.25
N MET B 4 24.86 4.72 -15.59
CA MET B 4 25.77 5.39 -14.67
C MET B 4 25.32 6.80 -14.33
N ASN B 5 24.53 7.44 -15.21
CA ASN B 5 24.09 8.81 -14.99
C ASN B 5 22.80 8.90 -14.17
N ILE B 6 22.20 7.77 -13.81
CA ILE B 6 20.96 7.79 -13.04
C ILE B 6 21.24 8.35 -11.65
N ASN B 7 20.46 9.33 -11.23
CA ASN B 7 20.72 9.91 -9.92
C ASN B 7 19.63 9.56 -8.90
N GLN B 8 19.89 9.97 -7.67
CA GLN B 8 19.01 9.67 -6.55
C GLN B 8 17.58 10.19 -6.78
N GLU B 9 17.47 11.45 -7.18
CA GLU B 9 16.15 12.06 -7.35
C GLU B 9 15.31 11.34 -8.40
N GLN B 10 15.92 10.94 -9.52
CA GLN B 10 15.19 10.22 -10.56
C GLN B 10 14.56 8.94 -10.03
N LEU B 11 15.32 8.14 -9.29
CA LEU B 11 14.77 6.88 -8.82
C LEU B 11 13.73 7.11 -7.73
N LEU B 12 13.93 8.12 -6.88
CA LEU B 12 12.94 8.39 -5.86
C LEU B 12 11.66 8.95 -6.47
N MET B 13 11.76 9.77 -7.52
CA MET B 13 10.53 10.19 -8.19
C MET B 13 9.89 9.05 -8.97
N PHE B 14 10.67 8.20 -9.61
CA PHE B 14 10.10 7.01 -10.25
C PHE B 14 9.32 6.18 -9.26
N GLN B 15 9.89 5.94 -8.07
CA GLN B 15 9.17 5.24 -7.01
C GLN B 15 7.84 5.92 -6.70
N ALA B 16 7.86 7.25 -6.55
CA ALA B 16 6.63 7.97 -6.20
C ALA B 16 5.58 7.85 -7.29
N VAL B 17 6.00 7.90 -8.55
CA VAL B 17 5.03 7.77 -9.64
C VAL B 17 4.43 6.37 -9.66
N MET B 18 5.24 5.34 -9.42
CA MET B 18 4.69 3.99 -9.43
C MET B 18 3.79 3.77 -8.23
N GLU B 19 4.16 4.31 -7.08
CA GLU B 19 3.40 4.06 -5.87
C GLU B 19 2.09 4.87 -5.87
N THR B 20 2.14 6.14 -6.26
CA THR B 20 0.93 6.97 -6.24
C THR B 20 0.06 6.85 -7.48
N GLY B 21 0.62 6.38 -8.60
CA GLY B 21 -0.14 6.14 -9.80
C GLY B 21 -0.19 7.27 -10.83
N SER B 22 0.40 8.44 -10.56
CA SER B 22 0.42 9.51 -11.54
C SER B 22 1.56 10.47 -11.27
N PHE B 23 1.94 11.23 -12.32
CA PHE B 23 2.88 12.33 -12.16
C PHE B 23 2.35 13.37 -11.18
N SER B 24 1.06 13.69 -11.28
CA SER B 24 0.49 14.73 -10.43
C SER B 24 0.53 14.32 -8.96
N ALA B 25 0.17 13.06 -8.66
CA ALA B 25 0.19 12.62 -7.27
C ALA B 25 1.61 12.46 -6.75
N ALA B 26 2.53 11.99 -7.60
CA ALA B 26 3.92 11.92 -7.16
C ALA B 26 4.43 13.31 -6.80
N ALA B 27 4.12 14.30 -7.63
CA ALA B 27 4.55 15.67 -7.35
C ALA B 27 4.07 16.12 -5.98
N ARG B 28 2.78 15.88 -5.68
CA ARG B 28 2.24 16.24 -4.37
C ARG B 28 2.99 15.51 -3.24
N LYS B 29 3.20 14.20 -3.40
CA LYS B 29 3.77 13.42 -2.31
C LYS B 29 5.18 13.88 -1.99
N LEU B 30 5.97 14.17 -3.02
CA LEU B 30 7.35 14.57 -2.81
C LEU B 30 7.51 16.06 -2.60
N GLY B 31 6.44 16.84 -2.77
CA GLY B 31 6.61 18.28 -2.67
C GLY B 31 7.44 18.88 -3.79
N LYS B 32 7.34 18.32 -4.99
CA LYS B 32 7.99 18.85 -6.17
C LYS B 32 6.95 19.27 -7.20
N VAL B 33 7.29 20.27 -8.01
CA VAL B 33 6.34 20.71 -9.03
C VAL B 33 6.33 19.68 -10.15
N PRO B 34 5.20 19.53 -10.85
CA PRO B 34 5.10 18.53 -11.94
C PRO B 34 6.15 18.66 -13.02
N SER B 35 6.58 19.89 -13.31
CA SER B 35 7.67 20.11 -14.26
C SER B 35 8.89 19.29 -13.88
N ALA B 36 9.18 19.23 -12.58
CA ALA B 36 10.33 18.46 -12.10
C ALA B 36 10.12 16.98 -12.29
N VAL B 37 8.94 16.47 -11.96
CA VAL B 37 8.70 15.02 -12.08
C VAL B 37 8.80 14.61 -13.54
N SER B 38 8.16 15.37 -14.43
CA SER B 38 8.20 15.11 -15.88
C SER B 38 9.63 15.10 -16.40
N MET B 39 10.41 16.12 -16.08
CA MET B 39 11.81 16.17 -16.51
C MET B 39 12.61 14.99 -15.99
N SER B 40 12.47 14.68 -14.70
CA SER B 40 13.26 13.59 -14.12
C SER B 40 12.92 12.24 -14.74
N ILE B 41 11.64 11.98 -14.93
CA ILE B 41 11.24 10.71 -15.53
C ILE B 41 11.73 10.62 -16.98
N ALA B 42 11.64 11.71 -17.72
CA ALA B 42 12.16 11.71 -19.10
C ALA B 42 13.65 11.40 -19.09
N ASN B 43 14.41 12.10 -18.22
CA ASN B 43 15.84 11.87 -18.16
C ASN B 43 16.14 10.43 -17.76
N LEU B 44 15.34 9.88 -16.85
CA LEU B 44 15.51 8.48 -16.44
C LEU B 44 15.28 7.52 -17.61
N GLU B 45 14.21 7.74 -18.38
CA GLU B 45 13.98 6.92 -19.57
C GLU B 45 15.16 7.01 -20.54
N ILE B 46 15.69 8.23 -20.72
CA ILE B 46 16.83 8.42 -21.62
C ILE B 46 18.04 7.64 -21.10
N ASP B 47 18.32 7.73 -19.79
CA ASP B 47 19.48 7.09 -19.18
C ASP B 47 19.41 5.57 -19.31
N LEU B 48 18.26 4.98 -18.99
CA LEU B 48 18.04 3.54 -19.07
C LEU B 48 17.69 3.07 -20.48
N ASN B 49 17.38 3.98 -21.38
CA ASN B 49 16.85 3.65 -22.71
C ASN B 49 15.65 2.71 -22.59
N LEU B 50 14.74 3.10 -21.73
CA LEU B 50 13.50 2.36 -21.49
C LEU B 50 12.35 3.33 -21.52
N THR B 51 11.26 2.94 -22.17
CA THR B 51 10.01 3.67 -22.07
C THR B 51 9.25 3.17 -20.85
N LEU B 52 9.05 4.03 -19.87
CA LEU B 52 8.46 3.65 -18.60
C LEU B 52 6.98 3.98 -18.47
N PHE B 53 6.44 4.92 -19.24
CA PHE B 53 5.03 5.28 -19.10
C PHE B 53 4.41 5.53 -20.48
N GLU B 54 3.11 5.26 -20.57
CA GLU B 54 2.37 5.46 -21.81
C GLU B 54 1.39 6.62 -21.68
N THR B 61 -0.01 5.76 -17.79
CA THR B 61 0.15 4.42 -17.22
C THR B 61 1.56 3.85 -17.36
N PRO B 62 2.03 3.12 -16.34
CA PRO B 62 3.36 2.48 -16.42
C PRO B 62 3.37 1.33 -17.40
N THR B 63 4.51 1.15 -18.05
CA THR B 63 4.67 0.06 -18.99
C THR B 63 5.08 -1.22 -18.26
N ALA B 64 5.04 -2.33 -18.99
CA ALA B 64 5.56 -3.59 -18.46
C ALA B 64 7.01 -3.42 -17.99
N GLU B 65 7.82 -2.69 -18.77
CA GLU B 65 9.21 -2.50 -18.41
C GLU B 65 9.37 -1.70 -17.12
N ALA B 66 8.47 -0.73 -16.88
CA ALA B 66 8.48 -0.01 -15.61
C ALA B 66 8.10 -0.91 -14.44
N ARG B 67 7.16 -1.82 -14.65
CA ARG B 67 6.74 -2.71 -13.57
C ARG B 67 7.90 -3.61 -13.16
N VAL B 68 8.63 -4.12 -14.16
CA VAL B 68 9.77 -4.97 -13.90
C VAL B 68 10.92 -4.16 -13.30
N LEU B 69 11.12 -2.94 -13.77
CA LEU B 69 12.17 -2.11 -13.19
C LEU B 69 11.88 -1.82 -11.72
N TYR B 70 10.62 -1.46 -11.42
CA TYR B 70 10.27 -1.09 -10.05
C TYR B 70 10.56 -2.24 -9.09
N GLU B 71 10.20 -3.45 -9.51
CA GLU B 71 10.44 -4.63 -8.69
C GLU B 71 11.94 -4.89 -8.53
N LYS B 72 12.69 -4.83 -9.64
CA LYS B 72 14.12 -5.10 -9.55
C LYS B 72 14.89 -4.01 -8.80
N THR B 73 14.27 -2.86 -8.53
CA THR B 73 14.91 -1.73 -7.86
C THR B 73 14.53 -1.63 -6.38
N ALA B 74 13.73 -2.56 -5.86
CA ALA B 74 13.20 -2.41 -4.50
C ALA B 74 14.31 -2.35 -3.45
N GLN B 75 15.28 -3.27 -3.54
CA GLN B 75 16.34 -3.32 -2.54
C GLN B 75 17.17 -2.05 -2.56
N LEU B 76 17.52 -1.59 -3.77
CA LEU B 76 18.23 -0.32 -3.89
C LEU B 76 17.45 0.82 -3.25
N LEU B 77 16.12 0.81 -3.42
CA LEU B 77 15.31 1.89 -2.90
C LEU B 77 15.30 1.91 -1.37
N ILE B 78 15.42 0.75 -0.73
CA ILE B 78 15.57 0.72 0.72
C ILE B 78 16.75 1.57 1.11
N GLU B 79 17.89 1.32 0.45
CA GLU B 79 19.15 1.94 0.88
C GLU B 79 19.25 3.38 0.40
N MET B 80 18.70 3.70 -0.76
CA MET B 80 18.65 5.09 -1.23
C MET B 80 17.77 5.93 -0.32
N ASN B 81 16.58 5.44 0.03
CA ASN B 81 15.73 6.16 0.97
C ASN B 81 16.43 6.38 2.31
N GLN B 82 17.10 5.35 2.83
CA GLN B 82 17.80 5.49 4.11
C GLN B 82 18.99 6.42 4.02
N TRP B 83 19.70 6.39 2.89
CA TRP B 83 20.85 7.27 2.69
C TRP B 83 20.43 8.74 2.64
N LYS B 84 19.35 9.03 1.89
CA LYS B 84 18.78 10.37 1.88
C LYS B 84 18.32 10.79 3.29
N GLN B 85 17.60 9.90 3.99
CA GLN B 85 17.15 10.17 5.36
C GLN B 85 18.32 10.59 6.25
N HIS B 86 19.46 9.92 6.13
CA HIS B 86 20.64 10.16 6.97
C HIS B 86 21.61 11.16 6.37
N ALA B 87 21.25 11.81 5.26
CA ALA B 87 22.11 12.83 4.66
C ALA B 87 22.14 14.08 5.51
N HIS B 88 22.10 13.91 6.83
CA HIS B 88 22.26 15.00 7.78
C HIS B 88 23.65 15.62 7.63
N SER C 3 -1.06 -16.39 7.15
CA SER C 3 -1.05 -14.95 7.41
C SER C 3 -2.46 -14.46 7.78
N MET C 4 -2.52 -13.41 8.59
CA MET C 4 -3.80 -12.87 9.04
C MET C 4 -4.36 -11.83 8.08
N ASN C 5 -5.63 -11.54 8.29
CA ASN C 5 -6.31 -10.39 7.69
C ASN C 5 -5.85 -9.19 8.48
N ILE C 6 -4.68 -8.67 8.10
CA ILE C 6 -4.08 -7.49 8.76
C ILE C 6 -4.20 -6.20 7.97
N ASN C 7 -4.08 -5.12 8.71
CA ASN C 7 -4.38 -3.81 8.21
C ASN C 7 -3.45 -2.98 7.41
N GLN C 8 -4.00 -1.99 6.72
CA GLN C 8 -3.16 -1.17 5.85
C GLN C 8 -2.20 -0.31 6.63
N GLU C 9 -2.67 0.29 7.74
CA GLU C 9 -1.80 1.18 8.52
C GLU C 9 -0.51 0.47 8.90
N GLN C 10 -0.62 -0.79 9.32
CA GLN C 10 0.53 -1.58 9.70
C GLN C 10 1.54 -1.69 8.55
N LEU C 11 1.04 -1.90 7.34
CA LEU C 11 1.94 -2.03 6.20
C LEU C 11 2.61 -0.70 5.85
N LEU C 12 1.87 0.41 5.94
CA LEU C 12 2.46 1.72 5.69
C LEU C 12 3.53 2.03 6.71
N MET C 13 3.26 1.69 7.96
CA MET C 13 4.26 1.82 9.01
C MET C 13 5.49 0.96 8.73
N PHE C 14 5.28 -0.30 8.31
CA PHE C 14 6.42 -1.16 8.01
C PHE C 14 7.28 -0.55 6.90
N GLN C 15 6.64 -0.04 5.84
CA GLN C 15 7.41 0.52 4.75
C GLN C 15 8.22 1.75 5.19
N ALA C 16 7.65 2.58 6.07
CA ALA C 16 8.36 3.79 6.50
C ALA C 16 9.53 3.46 7.41
N VAL C 17 9.44 2.40 8.21
CA VAL C 17 10.60 2.00 9.00
C VAL C 17 11.69 1.45 8.09
N MET C 18 11.29 0.70 7.06
CA MET C 18 12.23 0.17 6.08
C MET C 18 12.95 1.31 5.35
N GLU C 19 12.23 2.38 5.07
CA GLU C 19 12.73 3.49 4.26
C GLU C 19 13.43 4.58 5.08
N THR C 20 13.05 4.80 6.35
CA THR C 20 13.72 5.81 7.17
C THR C 20 14.74 5.24 8.13
N GLY C 21 14.70 3.93 8.41
CA GLY C 21 15.67 3.32 9.28
C GLY C 21 15.42 3.43 10.77
N SER C 22 14.28 3.97 11.21
CA SER C 22 14.04 4.10 12.64
C SER C 22 12.54 4.25 12.91
N PHE C 23 12.13 3.84 14.12
CA PHE C 23 10.72 3.92 14.50
C PHE C 23 10.26 5.38 14.61
N SER C 24 11.13 6.25 15.13
CA SER C 24 10.72 7.64 15.32
C SER C 24 10.75 8.43 14.02
N ALA C 25 11.71 8.16 13.13
CA ALA C 25 11.66 8.82 11.83
C ALA C 25 10.44 8.36 11.05
N ALA C 26 10.12 7.07 11.10
CA ALA C 26 8.89 6.57 10.52
C ALA C 26 7.67 7.26 11.13
N ALA C 27 7.65 7.35 12.46
CA ALA C 27 6.57 8.07 13.13
C ALA C 27 6.50 9.53 12.67
N ARG C 28 7.65 10.20 12.67
CA ARG C 28 7.75 11.58 12.19
C ARG C 28 7.16 11.71 10.79
N LYS C 29 7.62 10.87 9.87
CA LYS C 29 7.17 10.93 8.47
C LYS C 29 5.65 10.78 8.36
N LEU C 30 5.07 9.83 9.09
CA LEU C 30 3.65 9.53 8.96
C LEU C 30 2.76 10.31 9.94
N GLY C 31 3.33 11.18 10.78
CA GLY C 31 2.51 11.86 11.77
C GLY C 31 1.86 10.90 12.74
N LYS C 32 2.65 9.97 13.26
CA LYS C 32 2.16 8.97 14.22
C LYS C 32 3.07 9.03 15.44
N VAL C 33 2.65 8.35 16.51
CA VAL C 33 3.45 8.27 17.72
C VAL C 33 4.45 7.14 17.58
N PRO C 34 5.72 7.35 17.94
CA PRO C 34 6.73 6.28 17.76
C PRO C 34 6.36 4.95 18.40
N SER C 35 5.88 4.95 19.64
CA SER C 35 5.53 3.69 20.27
C SER C 35 4.33 3.02 19.60
N ALA C 36 3.47 3.81 18.92
CA ALA C 36 2.43 3.20 18.08
C ALA C 36 3.03 2.48 16.88
N VAL C 37 4.09 3.05 16.29
CA VAL C 37 4.74 2.40 15.15
C VAL C 37 5.40 1.09 15.60
N SER C 38 6.19 1.16 16.66
CA SER C 38 6.83 -0.03 17.24
C SER C 38 5.81 -1.13 17.53
N MET C 39 4.72 -0.82 18.24
CA MET C 39 3.76 -1.86 18.57
C MET C 39 3.12 -2.45 17.32
N SER C 40 2.80 -1.61 16.34
CA SER C 40 2.22 -2.12 15.11
C SER C 40 3.17 -3.09 14.42
N ILE C 41 4.46 -2.75 14.38
CA ILE C 41 5.45 -3.65 13.78
C ILE C 41 5.54 -4.94 14.57
N ALA C 42 5.54 -4.84 15.90
CA ALA C 42 5.57 -6.05 16.72
C ALA C 42 4.37 -6.93 16.43
N ASN C 43 3.18 -6.32 16.29
CA ASN C 43 1.99 -7.07 15.92
C ASN C 43 2.18 -7.79 14.59
N LEU C 44 2.79 -7.13 13.60
CA LEU C 44 3.02 -7.76 12.31
C LEU C 44 4.01 -8.92 12.43
N GLU C 45 5.06 -8.75 13.24
CA GLU C 45 6.02 -9.84 13.44
C GLU C 45 5.35 -11.08 14.03
N ILE C 46 4.35 -10.89 14.90
CA ILE C 46 3.63 -12.02 15.48
C ILE C 46 2.70 -12.63 14.44
N ASP C 47 1.99 -11.78 13.70
CA ASP C 47 1.13 -12.27 12.63
C ASP C 47 1.90 -13.12 11.61
N LEU C 48 3.12 -12.72 11.26
CA LEU C 48 3.88 -13.43 10.26
C LEU C 48 4.84 -14.47 10.84
N ASN C 49 4.97 -14.53 12.16
CA ASN C 49 5.91 -15.44 12.82
C ASN C 49 7.33 -15.22 12.30
N LEU C 50 7.66 -13.96 12.06
CA LEU C 50 8.94 -13.54 11.50
C LEU C 50 9.53 -12.46 12.39
N THR C 51 10.84 -12.49 12.58
CA THR C 51 11.55 -11.32 13.09
C THR C 51 11.88 -10.40 11.92
N LEU C 52 11.41 -9.16 12.00
CA LEU C 52 11.61 -8.18 10.94
C LEU C 52 12.71 -7.18 11.24
N PHE C 53 12.97 -6.89 12.52
CA PHE C 53 14.01 -5.94 12.88
C PHE C 53 14.78 -6.45 14.09
N GLU C 54 16.03 -5.98 14.18
CA GLU C 54 16.92 -6.25 15.30
C GLU C 54 17.52 -4.94 15.78
N ARG C 55 17.90 -4.90 17.05
CA ARG C 55 18.58 -3.72 17.59
C ARG C 55 19.91 -4.10 18.27
N PRO C 60 17.12 0.18 14.81
CA PRO C 60 16.42 -0.95 14.20
C PRO C 60 16.92 -1.26 12.79
N THR C 61 17.45 -2.48 12.61
CA THR C 61 17.98 -2.94 11.35
C THR C 61 17.16 -4.09 10.79
N PRO C 62 16.77 -4.05 9.53
CA PRO C 62 15.91 -5.11 8.99
C PRO C 62 16.63 -6.45 8.95
N THR C 63 15.84 -7.51 9.08
CA THR C 63 16.31 -8.85 8.77
C THR C 63 16.28 -9.07 7.26
N ALA C 64 16.82 -10.20 6.82
CA ALA C 64 16.71 -10.58 5.43
C ALA C 64 15.24 -10.75 5.03
N GLU C 65 14.44 -11.33 5.91
CA GLU C 65 13.01 -11.53 5.62
C GLU C 65 12.30 -10.20 5.43
N ALA C 66 12.67 -9.19 6.22
CA ALA C 66 12.03 -7.88 6.09
C ALA C 66 12.34 -7.24 4.75
N ARG C 67 13.58 -7.36 4.28
CA ARG C 67 13.92 -6.79 2.96
C ARG C 67 13.08 -7.41 1.85
N VAL C 68 12.90 -8.73 1.89
CA VAL C 68 12.03 -9.34 0.89
C VAL C 68 10.59 -8.90 1.10
N LEU C 69 10.16 -8.80 2.36
CA LEU C 69 8.79 -8.37 2.63
C LEU C 69 8.55 -6.96 2.10
N TYR C 70 9.55 -6.07 2.22
CA TYR C 70 9.42 -4.74 1.65
C TYR C 70 9.09 -4.80 0.16
N GLU C 71 9.72 -5.73 -0.55
CA GLU C 71 9.52 -5.83 -2.00
C GLU C 71 8.10 -6.26 -2.33
N LYS C 72 7.62 -7.32 -1.68
CA LYS C 72 6.24 -7.75 -1.87
C LYS C 72 5.24 -6.70 -1.42
N THR C 73 5.54 -5.97 -0.36
CA THR C 73 4.58 -4.99 0.15
C THR C 73 4.44 -3.79 -0.78
N ALA C 74 5.53 -3.36 -1.41
CA ALA C 74 5.42 -2.22 -2.33
C ALA C 74 4.44 -2.52 -3.46
N GLN C 75 4.36 -3.77 -3.90
CA GLN C 75 3.43 -4.14 -4.95
C GLN C 75 1.98 -4.02 -4.46
N LEU C 76 1.68 -4.59 -3.29
CA LEU C 76 0.34 -4.43 -2.73
C LEU C 76 0.03 -2.96 -2.49
N LEU C 77 1.04 -2.16 -2.12
CA LEU C 77 0.77 -0.75 -1.81
C LEU C 77 0.35 0.02 -3.06
N ILE C 78 0.85 -0.36 -4.24
CA ILE C 78 0.36 0.26 -5.48
C ILE C 78 -1.15 0.12 -5.57
N GLU C 79 -1.66 -1.09 -5.31
CA GLU C 79 -3.10 -1.32 -5.41
C GLU C 79 -3.86 -0.68 -4.26
N MET C 80 -3.30 -0.68 -3.05
CA MET C 80 -4.07 -0.08 -1.96
C MET C 80 -4.30 1.39 -2.24
N ASN C 81 -3.30 2.04 -2.86
CA ASN C 81 -3.40 3.46 -3.17
C ASN C 81 -4.48 3.73 -4.20
N GLN C 82 -4.53 2.91 -5.26
CA GLN C 82 -5.57 3.08 -6.27
C GLN C 82 -6.95 2.92 -5.68
N TRP C 83 -7.12 1.95 -4.79
CA TRP C 83 -8.42 1.74 -4.18
C TRP C 83 -8.84 2.94 -3.36
N LYS C 84 -7.90 3.49 -2.58
CA LYS C 84 -8.19 4.65 -1.73
C LYS C 84 -8.52 5.88 -2.56
N GLN C 85 -7.82 6.06 -3.68
CA GLN C 85 -8.15 7.18 -4.56
C GLN C 85 -9.56 7.03 -5.11
N HIS C 86 -9.93 5.81 -5.53
CA HIS C 86 -11.28 5.56 -6.01
C HIS C 86 -12.30 5.78 -4.89
N ALA C 87 -11.96 5.41 -3.66
CA ALA C 87 -12.87 5.62 -2.54
C ALA C 87 -13.02 7.10 -2.22
N HIS C 88 -11.90 7.82 -2.11
CA HIS C 88 -11.94 9.25 -1.85
C HIS C 88 -12.64 10.03 -2.97
N ALA C 89 -12.75 9.43 -4.16
CA ALA C 89 -13.37 10.08 -5.31
C ALA C 89 -14.89 9.96 -5.31
N LEU C 90 -15.47 9.10 -4.47
CA LEU C 90 -16.91 8.86 -4.51
C LEU C 90 -17.65 9.69 -3.47
#